data_8WKH
#
_entry.id   8WKH
#
_cell.length_a   61.332
_cell.length_b   46.752
_cell.length_c   47.331
_cell.angle_alpha   90.000
_cell.angle_beta   96.120
_cell.angle_gamma   90.000
#
_symmetry.space_group_name_H-M   'C 1 2 1'
#
loop_
_entity.id
_entity.type
_entity.pdbx_description
1 polymer 'Fatty acid-binding protein'
2 non-polymer 2-AMINO-2-HYDROXYMETHYL-PROPANE-1,3-DIOL
3 non-polymer DI(HYDROXYETHYL)ETHER
4 water water
#
_entity_poly.entity_id   1
_entity_poly.type   'polypeptide(L)'
_entity_poly.pdbx_seq_one_letter_code
;GMPIEGKYKLEKSDNFDKFLDELGVGFMVKTAAKTLKPTLEVDVQGDTYVFRSLSTFKNTEIKFKLGEEFEEDRADGKRV
KTVVNKEGDNKFIQTQYGDKEVKIVRDFQGDDVVVTASVGNVTSVRTYKRI
;
_entity_poly.pdbx_strand_id   A
#
# COMPACT_ATOMS: atom_id res chain seq x y z
N MET A 2 13.66 0.58 11.46
CA MET A 2 14.21 -0.68 11.92
C MET A 2 13.11 -1.65 12.47
N PRO A 3 12.28 -1.24 13.44
CA PRO A 3 11.22 -2.18 13.89
C PRO A 3 10.16 -2.48 12.84
N ILE A 4 9.98 -1.59 11.87
CA ILE A 4 9.01 -1.86 10.81
C ILE A 4 9.54 -2.79 9.74
N GLU A 5 10.86 -3.02 9.69
CA GLU A 5 11.38 -3.92 8.67
C GLU A 5 10.92 -5.35 8.92
N GLY A 6 10.77 -6.07 7.83
CA GLY A 6 10.37 -7.46 7.86
C GLY A 6 9.30 -7.71 6.82
N LYS A 7 8.66 -8.86 6.93
CA LYS A 7 7.63 -9.30 5.99
C LYS A 7 6.36 -9.57 6.76
N TYR A 8 5.23 -9.14 6.20
CA TYR A 8 3.93 -9.29 6.82
C TYR A 8 2.93 -9.83 5.80
N LYS A 9 2.24 -10.90 6.15
CA LYS A 9 1.25 -11.51 5.26
C LYS A 9 -0.14 -10.98 5.56
N LEU A 10 -0.91 -10.69 4.49
CA LEU A 10 -2.29 -10.24 4.64
C LEU A 10 -3.10 -11.23 5.45
N GLU A 11 -3.84 -10.75 6.43
CA GLU A 11 -4.65 -11.66 7.22
C GLU A 11 -6.15 -11.41 7.05
N LYS A 12 -6.55 -10.15 6.92
CA LYS A 12 -7.94 -9.76 6.81
C LYS A 12 -8.01 -8.59 5.86
N SER A 13 -9.05 -8.55 5.05
CA SER A 13 -9.29 -7.46 4.14
C SER A 13 -10.76 -7.07 4.23
N ASP A 14 -11.04 -5.79 4.30
CA ASP A 14 -12.41 -5.34 4.35
C ASP A 14 -12.62 -4.26 3.29
N ASN A 15 -13.66 -4.47 2.46
CA ASN A 15 -14.17 -3.52 1.47
C ASN A 15 -13.16 -3.19 0.38
N PHE A 16 -12.20 -4.07 0.12
CA PHE A 16 -11.20 -3.80 -0.92
C PHE A 16 -11.80 -3.87 -2.31
N ASP A 17 -12.85 -4.68 -2.51
CA ASP A 17 -13.52 -4.76 -3.81
C ASP A 17 -14.15 -3.42 -4.18
N LYS A 18 -14.91 -2.83 -3.26
CA LYS A 18 -15.52 -1.55 -3.58
C LYS A 18 -14.48 -0.45 -3.71
N PHE A 19 -13.40 -0.54 -2.95
CA PHE A 19 -12.30 0.40 -3.13
C PHE A 19 -11.76 0.35 -4.55
N LEU A 20 -11.57 -0.85 -5.11
CA LEU A 20 -11.08 -0.93 -6.47
C LEU A 20 -12.14 -0.48 -7.47
N ASP A 21 -13.43 -0.65 -7.15
CA ASP A 21 -14.49 -0.16 -8.02
C ASP A 21 -14.44 1.35 -8.13
N GLU A 22 -14.23 2.03 -6.99
CA GLU A 22 -14.15 3.49 -6.99
C GLU A 22 -12.87 3.98 -7.64
N LEU A 23 -11.75 3.31 -7.37
CA LEU A 23 -10.50 3.68 -8.00
C LEU A 23 -10.57 3.54 -9.52
N GLY A 24 -11.33 2.56 -10.01
CA GLY A 24 -11.54 2.39 -11.43
C GLY A 24 -10.42 1.60 -12.08
N VAL A 25 -10.24 0.35 -11.69
CA VAL A 25 -9.19 -0.49 -12.27
C VAL A 25 -9.84 -1.51 -13.18
N GLY A 26 -9.02 -2.18 -13.98
CA GLY A 26 -9.52 -3.18 -14.89
C GLY A 26 -10.15 -4.36 -14.18
N PHE A 27 -11.04 -5.04 -14.90
CA PHE A 27 -11.73 -6.18 -14.32
C PHE A 27 -10.76 -7.27 -13.92
N MET A 28 -9.78 -7.56 -14.79
CA MET A 28 -8.85 -8.63 -14.50
C MET A 28 -8.06 -8.34 -13.23
N VAL A 29 -7.72 -7.07 -13.02
CA VAL A 29 -7.02 -6.65 -11.81
C VAL A 29 -7.92 -6.82 -10.59
N LYS A 30 -9.16 -6.32 -10.68
CA LYS A 30 -10.08 -6.46 -9.56
C LYS A 30 -10.35 -7.94 -9.27
N THR A 31 -10.46 -8.76 -10.32
CA THR A 31 -10.74 -10.17 -10.12
C THR A 31 -9.60 -10.85 -9.37
N ALA A 32 -8.36 -10.55 -9.76
CA ALA A 32 -7.21 -11.15 -9.11
C ALA A 32 -7.05 -10.67 -7.67
N ALA A 33 -7.52 -9.47 -7.34
CA ALA A 33 -7.38 -8.96 -5.99
C ALA A 33 -8.27 -9.68 -4.98
N LYS A 34 -9.40 -10.22 -5.40
CA LYS A 34 -10.29 -10.87 -4.45
C LYS A 34 -9.62 -12.06 -3.77
N THR A 35 -8.90 -12.88 -4.55
CA THR A 35 -8.29 -14.10 -4.06
C THR A 35 -6.88 -13.91 -3.55
N LEU A 36 -6.28 -12.74 -3.79
CA LEU A 36 -4.86 -12.52 -3.52
C LEU A 36 -4.59 -12.31 -2.04
N LYS A 37 -3.45 -12.80 -1.60
CA LYS A 37 -3.10 -12.78 -0.19
C LYS A 37 -1.67 -12.24 -0.09
N PRO A 38 -1.46 -10.97 -0.45
CA PRO A 38 -0.10 -10.47 -0.64
C PRO A 38 0.70 -10.39 0.65
N THR A 39 2.02 -10.31 0.50
CA THR A 39 2.94 -10.06 1.61
C THR A 39 3.60 -8.71 1.43
N LEU A 40 3.54 -7.90 2.49
CA LEU A 40 4.22 -6.62 2.54
C LEU A 40 5.63 -6.83 3.07
N GLU A 41 6.64 -6.41 2.30
CA GLU A 41 8.04 -6.48 2.71
C GLU A 41 8.55 -5.05 2.85
N VAL A 42 9.17 -4.76 3.98
CA VAL A 42 9.61 -3.41 4.32
C VAL A 42 11.11 -3.46 4.58
N ASP A 43 11.86 -2.56 3.93
CA ASP A 43 13.31 -2.46 4.11
C ASP A 43 13.72 -0.99 4.18
N VAL A 44 14.63 -0.67 5.10
CA VAL A 44 15.08 0.71 5.29
C VAL A 44 16.60 0.78 5.27
N GLN A 45 17.13 1.59 4.36
CA GLN A 45 18.58 1.79 4.23
C GLN A 45 18.82 3.28 4.43
N GLY A 46 19.25 3.65 5.63
CA GLY A 46 19.38 5.07 5.97
C GLY A 46 18.07 5.80 5.75
N ASP A 47 18.10 6.87 4.96
CA ASP A 47 16.92 7.69 4.72
C ASP A 47 16.00 7.12 3.64
N THR A 48 16.33 5.97 3.05
CA THR A 48 15.62 5.45 1.90
C THR A 48 14.75 4.27 2.33
N TYR A 49 13.43 4.36 2.09
CA TYR A 49 12.46 3.32 2.42
C TYR A 49 12.07 2.51 1.19
N VAL A 50 11.83 1.22 1.39
CA VAL A 50 11.33 0.34 0.34
C VAL A 50 10.15 -0.44 0.90
N PHE A 51 8.97 -0.24 0.31
CA PHE A 51 7.78 -1.03 0.61
C PHE A 51 7.51 -1.91 -0.60
N ARG A 52 7.44 -3.22 -0.39
CA ARG A 52 7.13 -4.16 -1.46
C ARG A 52 5.79 -4.83 -1.21
N SER A 53 5.13 -5.24 -2.30
CA SER A 53 3.98 -6.13 -2.24
C SER A 53 4.32 -7.37 -3.06
N LEU A 54 4.48 -8.50 -2.39
CA LEU A 54 4.86 -9.75 -3.03
C LEU A 54 3.63 -10.63 -3.18
N SER A 55 3.36 -11.07 -4.41
CA SER A 55 2.26 -11.99 -4.64
C SER A 55 2.43 -12.64 -5.99
N THR A 56 1.59 -13.66 -6.22
CA THR A 56 1.58 -14.33 -7.52
C THR A 56 1.14 -13.39 -8.62
N PHE A 57 0.25 -12.44 -8.32
CA PHE A 57 -0.24 -11.52 -9.34
C PHE A 57 0.87 -10.60 -9.85
N LYS A 58 1.60 -9.96 -8.95
CA LYS A 58 2.65 -9.02 -9.30
C LYS A 58 3.51 -8.78 -8.07
N ASN A 59 4.82 -8.60 -8.25
CA ASN A 59 5.69 -8.14 -7.17
C ASN A 59 5.97 -6.68 -7.45
N THR A 60 5.41 -5.78 -6.64
CA THR A 60 5.60 -4.35 -6.80
C THR A 60 6.50 -3.77 -5.71
N GLU A 61 7.07 -2.59 -6.00
CA GLU A 61 8.04 -1.97 -5.10
C GLU A 61 8.00 -0.47 -5.27
N ILE A 62 7.88 0.26 -4.17
CA ILE A 62 8.18 1.69 -4.14
C ILE A 62 9.41 1.89 -3.26
N LYS A 63 10.33 2.72 -3.73
CA LYS A 63 11.49 3.15 -2.98
C LYS A 63 11.42 4.66 -2.89
N PHE A 64 11.63 5.21 -1.71
CA PHE A 64 11.37 6.64 -1.55
C PHE A 64 12.09 7.17 -0.32
N LYS A 65 12.28 8.48 -0.31
CA LYS A 65 12.62 9.23 0.87
C LYS A 65 11.41 10.02 1.34
N LEU A 66 11.25 10.15 2.66
CA LEU A 66 10.06 10.81 3.18
C LEU A 66 9.96 12.23 2.64
N GLY A 67 8.75 12.62 2.24
CA GLY A 67 8.50 13.98 1.79
C GLY A 67 9.03 14.33 0.42
N GLU A 68 9.55 13.37 -0.35
CA GLU A 68 10.11 13.67 -1.67
C GLU A 68 9.27 12.96 -2.71
N GLU A 69 8.65 13.74 -3.60
CA GLU A 69 7.71 13.19 -4.57
C GLU A 69 8.43 12.24 -5.53
N PHE A 70 7.70 11.24 -6.03
CA PHE A 70 8.29 10.30 -6.99
C PHE A 70 7.17 9.67 -7.80
N GLU A 71 7.55 8.99 -8.88
CA GLU A 71 6.57 8.34 -9.75
C GLU A 71 6.44 6.87 -9.34
N GLU A 72 5.20 6.40 -9.24
CA GLU A 72 4.95 5.02 -8.85
C GLU A 72 4.21 4.33 -10.00
N ASP A 73 4.74 3.22 -10.49
CA ASP A 73 4.00 2.40 -11.42
C ASP A 73 3.13 1.47 -10.59
N ARG A 74 1.87 1.84 -10.47
CA ARG A 74 0.93 1.15 -9.60
C ARG A 74 0.54 -0.18 -10.22
N ALA A 75 0.22 -1.15 -9.35
CA ALA A 75 -0.09 -2.50 -9.80
C ALA A 75 -1.28 -2.57 -10.76
N ASP A 76 -2.14 -1.56 -10.80
CA ASP A 76 -3.20 -1.53 -11.79
C ASP A 76 -2.73 -1.06 -13.17
N GLY A 77 -1.43 -0.76 -13.33
CA GLY A 77 -0.92 -0.32 -14.60
C GLY A 77 -0.72 1.17 -14.74
N LYS A 78 -1.22 1.96 -13.79
CA LYS A 78 -1.13 3.40 -13.88
C LYS A 78 0.17 3.89 -13.22
N ARG A 79 0.80 4.89 -13.82
CA ARG A 79 1.90 5.61 -13.19
C ARG A 79 1.35 6.86 -12.54
N VAL A 80 1.57 7.02 -11.24
CA VAL A 80 1.04 8.15 -10.49
C VAL A 80 2.18 8.87 -9.78
N LYS A 81 2.03 10.19 -9.69
CA LYS A 81 2.87 10.98 -8.79
C LYS A 81 2.43 10.76 -7.35
N THR A 82 3.42 10.58 -6.46
CA THR A 82 3.08 10.19 -5.11
C THR A 82 4.13 10.69 -4.13
N VAL A 83 3.71 10.80 -2.87
CA VAL A 83 4.63 11.15 -1.82
C VAL A 83 4.26 10.37 -0.57
N VAL A 84 5.27 10.08 0.25
CA VAL A 84 5.07 9.40 1.54
C VAL A 84 5.62 10.30 2.64
N ASN A 85 4.83 10.49 3.68
CA ASN A 85 5.24 11.27 4.83
C ASN A 85 4.99 10.44 6.07
N LYS A 86 5.79 10.65 7.10
CA LYS A 86 5.68 9.89 8.33
C LYS A 86 4.93 10.72 9.37
N GLU A 87 4.05 10.06 10.13
CA GLU A 87 3.24 10.71 11.15
C GLU A 87 3.45 9.96 12.47
N GLY A 88 3.90 10.67 13.49
CA GLY A 88 4.39 9.97 14.67
C GLY A 88 5.65 9.22 14.31
N ASP A 89 5.69 7.93 14.64
CA ASP A 89 6.74 7.05 14.15
C ASP A 89 6.23 5.66 13.78
N ASN A 90 4.96 5.38 13.97
CA ASN A 90 4.35 4.14 13.51
C ASN A 90 3.66 4.28 12.15
N LYS A 91 3.32 5.49 11.74
CA LYS A 91 2.37 5.74 10.67
C LYS A 91 3.07 6.37 9.47
N PHE A 92 2.87 5.76 8.29
CA PHE A 92 3.35 6.29 7.02
C PHE A 92 2.14 6.55 6.15
N ILE A 93 1.99 7.78 5.69
CA ILE A 93 0.85 8.18 4.86
C ILE A 93 1.34 8.47 3.45
N GLN A 94 0.89 7.66 2.52
CA GLN A 94 1.17 7.84 1.11
C GLN A 94 -0.01 8.52 0.44
N THR A 95 0.28 9.57 -0.32
CA THR A 95 -0.71 10.22 -1.17
C THR A 95 -0.35 9.94 -2.61
N GLN A 96 -1.32 9.46 -3.37
CA GLN A 96 -1.17 9.27 -4.81
C GLN A 96 -2.03 10.32 -5.50
N TYR A 97 -1.38 11.29 -6.13
CA TYR A 97 -2.10 12.37 -6.77
C TYR A 97 -2.75 11.94 -8.08
N GLY A 98 -3.67 12.74 -8.56
CA GLY A 98 -4.29 12.50 -9.84
C GLY A 98 -5.75 12.89 -9.79
N ASP A 99 -6.51 12.40 -10.78
CA ASP A 99 -7.93 12.72 -10.83
C ASP A 99 -8.68 12.13 -9.64
N LYS A 100 -8.33 10.91 -9.23
CA LYS A 100 -8.87 10.32 -8.01
C LYS A 100 -7.72 10.17 -7.01
N GLU A 101 -7.61 11.11 -6.08
CA GLU A 101 -6.52 11.11 -5.11
C GLU A 101 -6.68 9.95 -4.12
N VAL A 102 -5.59 9.22 -3.89
CA VAL A 102 -5.62 8.05 -3.02
C VAL A 102 -4.81 8.34 -1.78
N LYS A 103 -5.35 7.97 -0.63
CA LYS A 103 -4.61 8.00 0.62
C LYS A 103 -4.43 6.57 1.09
N ILE A 104 -3.18 6.20 1.36
CA ILE A 104 -2.82 4.87 1.84
C ILE A 104 -2.07 5.08 3.15
N VAL A 105 -2.71 4.76 4.25
CA VAL A 105 -2.10 4.82 5.56
C VAL A 105 -1.58 3.44 5.89
N ARG A 106 -0.29 3.34 6.22
CA ARG A 106 0.32 2.12 6.71
C ARG A 106 0.73 2.32 8.16
N ASP A 107 0.03 1.65 9.06
CA ASP A 107 0.16 1.84 10.51
C ASP A 107 0.84 0.61 11.11
N PHE A 108 2.12 0.75 11.47
CA PHE A 108 2.94 -0.36 11.96
C PHE A 108 2.78 -0.49 13.48
N GLN A 109 2.15 -1.57 13.91
CA GLN A 109 1.90 -1.82 15.33
C GLN A 109 2.55 -3.14 15.74
N GLY A 110 3.88 -3.12 15.86
CA GLY A 110 4.63 -4.30 16.21
C GLY A 110 4.57 -5.38 15.15
N ASP A 111 3.87 -6.46 15.44
CA ASP A 111 3.75 -7.57 14.51
C ASP A 111 2.53 -7.46 13.62
N ASP A 112 1.75 -6.40 13.78
CA ASP A 112 0.54 -6.14 12.99
C ASP A 112 0.74 -4.83 12.24
N VAL A 113 0.33 -4.82 10.98
CA VAL A 113 0.30 -3.61 10.18
C VAL A 113 -1.13 -3.41 9.69
N VAL A 114 -1.70 -2.26 9.98
CA VAL A 114 -3.04 -1.91 9.51
C VAL A 114 -2.89 -0.94 8.34
N VAL A 115 -3.32 -1.36 7.16
CA VAL A 115 -3.25 -0.54 5.95
C VAL A 115 -4.65 -0.04 5.65
N THR A 116 -4.82 1.27 5.59
CA THR A 116 -6.11 1.89 5.32
C THR A 116 -5.99 2.71 4.05
N ALA A 117 -6.66 2.26 2.99
CA ALA A 117 -6.65 2.90 1.68
C ALA A 117 -8.01 3.57 1.43
N SER A 118 -7.96 4.80 0.93
CA SER A 118 -9.15 5.61 0.73
C SER A 118 -9.10 6.32 -0.61
N VAL A 119 -10.24 6.35 -1.29
CA VAL A 119 -10.43 7.16 -2.50
C VAL A 119 -11.89 7.58 -2.49
N GLY A 120 -12.14 8.88 -2.64
CA GLY A 120 -13.50 9.35 -2.50
C GLY A 120 -14.06 8.95 -1.16
N ASN A 121 -15.33 8.52 -1.18
CA ASN A 121 -15.99 8.07 0.05
C ASN A 121 -15.91 6.56 0.23
N VAL A 122 -14.85 5.95 -0.26
CA VAL A 122 -14.67 4.50 -0.19
C VAL A 122 -13.35 4.20 0.50
N THR A 123 -13.41 3.45 1.59
CA THR A 123 -12.24 3.10 2.38
C THR A 123 -12.16 1.58 2.53
N SER A 124 -10.97 1.03 2.35
CA SER A 124 -10.69 -0.37 2.64
C SER A 124 -9.67 -0.45 3.77
N VAL A 125 -9.84 -1.44 4.65
CA VAL A 125 -8.86 -1.73 5.70
C VAL A 125 -8.34 -3.14 5.49
N ARG A 126 -7.01 -3.26 5.41
CA ARG A 126 -6.33 -4.53 5.20
C ARG A 126 -5.26 -4.71 6.27
N THR A 127 -5.31 -5.83 6.97
CA THR A 127 -4.45 -6.08 8.12
C THR A 127 -3.44 -7.17 7.78
N TYR A 128 -2.18 -6.89 8.05
CA TYR A 128 -1.10 -7.82 7.78
C TYR A 128 -0.48 -8.26 9.11
N LYS A 129 -0.01 -9.50 9.15
CA LYS A 129 0.61 -10.04 10.35
C LYS A 129 2.04 -10.48 10.04
N ARG A 130 2.98 -10.10 10.90
CA ARG A 130 4.40 -10.41 10.64
C ARG A 130 4.61 -11.91 10.47
N ILE A 131 5.47 -12.27 9.52
CA ILE A 131 5.87 -13.66 9.39
C ILE A 131 7.35 -13.84 9.74
#